data_4JHY
#
_entry.id   4JHY
#
_cell.length_a   26.670
_cell.length_b   82.344
_cell.length_c   40.543
_cell.angle_alpha   90.000
_cell.angle_beta   106.830
_cell.angle_gamma   90.000
#
_symmetry.space_group_name_H-M   'P 1 21 1'
#
loop_
_entity.id
_entity.type
_entity.pdbx_description
1 polymer 'hypothetical protein'
2 water water
#
_entity_poly.entity_id   1
_entity_poly.type   'polypeptide(L)'
_entity_poly.pdbx_seq_one_letter_code
;GQGHKGEVDECAP(MSE)KNGKVCYSDDVEIENTSKLEIFNAINAWAKKSYGKDVFLSNVNSNKNKGTIFVSSKVELLLN
DTDKTIIKYK(MSE)RITCFDNRYTIEASDIVYQYDPLNDKKYKTYKAEDVIANNGDSNTIALIKDPKLFCNATFFFVEN
LFADVFDAAQNAESE
;
_entity_poly.pdbx_strand_id   A
#
# COMPACT_ATOMS: atom_id res chain seq x y z
N GLU A 10 12.38 -10.31 -2.66
CA GLU A 10 12.51 -8.84 -2.60
C GLU A 10 11.13 -8.25 -2.84
N CYS A 11 10.60 -8.32 -4.06
CA CYS A 11 9.51 -7.41 -4.45
C CYS A 11 8.09 -7.79 -3.92
N ALA A 12 7.92 -9.08 -3.60
CA ALA A 12 6.65 -9.65 -3.13
C ALA A 12 6.80 -10.39 -1.78
N PRO A 13 7.10 -9.66 -0.71
CA PRO A 13 7.20 -10.21 0.63
C PRO A 13 5.87 -10.82 0.99
N LYS A 15 3.55 -13.27 4.00
CA LYS A 15 3.38 -13.69 5.39
C LYS A 15 1.97 -14.30 5.52
N ASN A 16 1.91 -15.47 6.15
CA ASN A 16 0.65 -16.21 6.33
C ASN A 16 -0.11 -16.41 5.02
N GLY A 17 0.63 -16.75 3.96
CA GLY A 17 0.06 -16.94 2.63
C GLY A 17 -0.40 -15.75 1.80
N LYS A 18 -0.14 -14.52 2.26
CA LYS A 18 -0.54 -13.31 1.48
C LYS A 18 0.63 -12.36 1.25
N VAL A 19 0.58 -11.62 0.16
CA VAL A 19 1.53 -10.56 -0.07
C VAL A 19 1.21 -9.52 1.02
N CYS A 20 2.24 -9.18 1.76
CA CYS A 20 2.17 -8.24 2.86
C CYS A 20 3.49 -7.46 2.99
N TYR A 21 3.41 -6.13 2.88
CA TYR A 21 4.57 -5.24 3.01
C TYR A 21 4.46 -4.58 4.36
N SER A 22 5.52 -4.50 5.10
CA SER A 22 5.40 -3.87 6.39
C SER A 22 6.65 -3.07 6.74
N ASP A 23 6.49 -2.17 7.70
CA ASP A 23 7.65 -1.54 8.32
C ASP A 23 7.32 -1.21 9.76
N ASP A 24 8.39 -0.89 10.48
CA ASP A 24 8.33 -0.69 11.92
C ASP A 24 9.40 0.31 12.20
N VAL A 25 9.01 1.47 12.69
CA VAL A 25 9.84 2.67 12.68
C VAL A 25 9.87 3.29 14.06
N GLU A 26 11.08 3.56 14.55
CA GLU A 26 11.29 4.29 15.80
C GLU A 26 11.27 5.80 15.55
N ILE A 27 10.55 6.55 16.39
CA ILE A 27 10.58 8.02 16.32
C ILE A 27 10.94 8.50 17.71
N GLU A 28 12.24 8.70 17.97
CA GLU A 28 12.75 8.99 19.34
C GLU A 28 11.99 10.09 20.09
N ASN A 29 11.72 9.86 21.38
CA ASN A 29 11.14 10.89 22.28
CA ASN A 29 11.15 10.89 22.28
C ASN A 29 9.91 11.61 21.72
N THR A 30 9.03 10.86 21.06
CA THR A 30 7.85 11.44 20.43
C THR A 30 6.60 10.66 20.82
N SER A 31 5.59 11.36 21.32
CA SER A 31 4.42 10.68 21.91
C SER A 31 3.56 10.03 20.85
N LYS A 32 2.79 9.02 21.27
CA LYS A 32 1.76 8.41 20.43
C LYS A 32 0.87 9.45 19.74
N LEU A 33 0.42 10.47 20.49
CA LEU A 33 -0.50 11.50 19.94
C LEU A 33 0.14 12.31 18.82
N GLU A 34 1.41 12.67 19.03
CA GLU A 34 2.12 13.48 18.07
C GLU A 34 2.34 12.71 16.76
N ILE A 35 2.72 11.46 16.91
CA ILE A 35 2.95 10.59 15.76
C ILE A 35 1.65 10.38 15.01
N PHE A 36 0.61 10.06 15.76
CA PHE A 36 -0.69 9.84 15.18
C PHE A 36 -1.19 11.04 14.38
N ASN A 37 -1.15 12.21 15.00
CA ASN A 37 -1.64 13.41 14.34
C ASN A 37 -0.80 13.75 13.07
N ALA A 38 0.52 13.51 13.10
CA ALA A 38 1.36 13.77 11.91
C ALA A 38 1.00 12.81 10.77
N ILE A 39 0.87 11.51 11.04
CA ILE A 39 0.52 10.56 10.01
C ILE A 39 -0.96 10.77 9.56
N ASN A 40 -1.86 11.06 10.52
CA ASN A 40 -3.28 11.26 10.19
C ASN A 40 -3.51 12.41 9.25
N ALA A 41 -2.69 13.45 9.39
CA ALA A 41 -2.77 14.62 8.51
C ALA A 41 -2.44 14.24 7.06
N TRP A 42 -1.36 13.48 6.89
CA TRP A 42 -0.97 13.01 5.60
C TRP A 42 -2.08 12.09 5.00
N ALA A 43 -2.61 11.16 5.77
CA ALA A 43 -3.69 10.27 5.27
C ALA A 43 -4.96 11.01 4.87
N LYS A 44 -5.38 11.98 5.68
CA LYS A 44 -6.55 12.77 5.37
C LYS A 44 -6.34 13.63 4.13
N LYS A 45 -5.15 14.21 3.99
CA LYS A 45 -4.85 15.00 2.82
C LYS A 45 -4.74 14.12 1.58
N SER A 46 -4.07 12.97 1.73
CA SER A 46 -3.81 12.13 0.59
C SER A 46 -5.01 11.35 0.05
N TYR A 47 -5.93 10.98 0.95
N TYR A 47 -5.94 10.99 0.92
CA TYR A 47 -7.04 10.05 0.66
CA TYR A 47 -7.05 10.16 0.52
C TYR A 47 -8.46 10.44 1.07
C TYR A 47 -8.42 10.88 0.64
N GLY A 48 -8.65 11.56 1.77
CA GLY A 48 -10.01 11.99 2.21
C GLY A 48 -11.03 12.64 1.27
N LYS A 49 -10.57 13.26 0.19
CA LYS A 49 -11.46 13.84 -0.83
C LYS A 49 -11.31 13.13 -2.19
N ASP A 50 -10.68 11.96 -2.16
CA ASP A 50 -10.83 10.96 -3.20
C ASP A 50 -11.97 10.03 -2.74
N VAL A 51 -13.20 10.56 -2.73
CA VAL A 51 -14.35 9.91 -2.05
C VAL A 51 -14.85 8.63 -2.77
N PHE A 52 -14.79 8.64 -4.10
CA PHE A 52 -15.23 7.51 -4.90
C PHE A 52 -14.21 6.36 -4.90
N LEU A 53 -12.94 6.68 -4.64
CA LEU A 53 -11.88 5.72 -4.85
C LEU A 53 -11.08 5.32 -3.61
N SER A 54 -11.18 6.09 -2.53
CA SER A 54 -10.40 5.85 -1.32
C SER A 54 -11.25 6.03 -0.05
N ASN A 55 -10.90 5.27 0.96
CA ASN A 55 -11.52 5.39 2.26
C ASN A 55 -10.46 5.49 3.30
N VAL A 56 -10.74 6.25 4.35
CA VAL A 56 -9.85 6.37 5.49
C VAL A 56 -10.68 6.34 6.76
N ASN A 57 -10.19 5.60 7.73
CA ASN A 57 -10.77 5.67 9.08
C ASN A 57 -9.62 6.03 10.04
N SER A 58 -9.81 7.10 10.80
CA SER A 58 -8.84 7.54 11.80
C SER A 58 -9.42 7.25 13.19
N ASN A 59 -8.81 6.33 13.92
CA ASN A 59 -9.30 5.91 15.25
C ASN A 59 -8.37 6.45 16.31
N LYS A 60 -8.73 7.62 16.84
CA LYS A 60 -7.92 8.26 17.88
C LYS A 60 -7.94 7.44 19.18
N ASN A 61 -9.04 6.73 19.43
CA ASN A 61 -9.12 5.86 20.59
C ASN A 61 -7.95 4.85 20.56
N LYS A 62 -7.77 4.17 19.43
CA LYS A 62 -6.73 3.15 19.30
C LYS A 62 -5.41 3.63 18.70
N GLY A 63 -5.35 4.86 18.18
CA GLY A 63 -4.12 5.37 17.52
C GLY A 63 -3.83 4.66 16.19
N THR A 64 -4.91 4.25 15.52
CA THR A 64 -4.82 3.50 14.28
CA THR A 64 -4.80 3.51 14.28
C THR A 64 -5.45 4.28 13.14
N ILE A 65 -4.87 4.11 11.96
CA ILE A 65 -5.34 4.71 10.73
C ILE A 65 -5.48 3.53 9.75
N PHE A 66 -6.65 3.36 9.21
CA PHE A 66 -6.89 2.36 8.19
C PHE A 66 -7.23 3.05 6.88
N VAL A 67 -6.63 2.57 5.82
CA VAL A 67 -6.81 3.13 4.48
C VAL A 67 -7.13 2.04 3.47
N SER A 68 -8.08 2.33 2.58
CA SER A 68 -8.39 1.50 1.45
C SER A 68 -8.35 2.38 0.20
N SER A 69 -7.71 1.87 -0.84
CA SER A 69 -7.58 2.62 -2.08
C SER A 69 -7.46 1.71 -3.33
N LYS A 70 -7.77 2.33 -4.46
CA LYS A 70 -7.80 1.77 -5.82
C LYS A 70 -7.13 2.82 -6.73
N VAL A 71 -6.05 2.48 -7.43
CA VAL A 71 -5.38 3.47 -8.31
C VAL A 71 -4.75 2.82 -9.54
N GLU A 72 -4.57 3.57 -10.62
CA GLU A 72 -3.91 3.02 -11.81
C GLU A 72 -2.42 2.93 -11.54
N LEU A 73 -1.82 1.81 -11.87
CA LEU A 73 -0.38 1.61 -11.62
C LEU A 73 0.32 1.37 -12.96
N LEU A 74 1.21 2.29 -13.33
CA LEU A 74 2.00 2.14 -14.58
C LEU A 74 2.94 0.93 -14.52
N LEU A 75 2.93 0.07 -15.53
CA LEU A 75 3.74 -1.14 -15.49
C LEU A 75 5.00 -0.96 -16.30
N ASN A 76 4.84 -0.66 -17.57
CA ASN A 76 5.93 -0.16 -18.36
C ASN A 76 5.45 1.06 -19.17
N ASP A 77 5.70 1.05 -20.48
CA ASP A 77 5.39 2.14 -21.37
C ASP A 77 4.04 1.86 -22.06
N THR A 78 3.81 0.60 -22.44
CA THR A 78 2.51 0.18 -22.92
C THR A 78 1.54 -0.05 -21.77
N ASP A 79 1.97 -0.88 -20.81
CA ASP A 79 1.05 -1.57 -19.92
C ASP A 79 0.82 -0.88 -18.57
N LYS A 80 -0.31 -1.21 -17.96
CA LYS A 80 -0.72 -0.67 -16.67
C LYS A 80 -1.83 -1.56 -16.10
N THR A 81 -2.05 -1.43 -14.80
CA THR A 81 -3.05 -2.20 -14.13
C THR A 81 -3.71 -1.27 -13.11
N ILE A 82 -4.93 -1.58 -12.73
CA ILE A 82 -5.47 -1.01 -11.50
C ILE A 82 -4.90 -1.86 -10.35
N ILE A 83 -4.56 -1.21 -9.26
CA ILE A 83 -4.17 -1.93 -8.04
C ILE A 83 -5.13 -1.47 -6.91
N LYS A 84 -5.65 -2.43 -6.16
CA LYS A 84 -6.42 -2.15 -4.94
C LYS A 84 -5.64 -2.66 -3.74
N TYR A 85 -5.67 -1.92 -2.63
CA TYR A 85 -4.86 -2.31 -1.46
C TYR A 85 -5.48 -1.70 -0.21
N LYS A 86 -5.11 -2.29 0.93
CA LYS A 86 -5.46 -1.76 2.22
C LYS A 86 -4.17 -1.51 2.99
N ARG A 88 -2.71 -0.33 7.08
CA ARG A 88 -3.02 -0.07 8.50
C ARG A 88 -1.79 0.47 9.19
N ILE A 89 -1.96 1.61 9.84
CA ILE A 89 -0.84 2.23 10.56
C ILE A 89 -1.22 2.28 12.02
N THR A 90 -0.32 1.79 12.89
CA THR A 90 -0.59 1.73 14.31
C THR A 90 0.53 2.52 15.06
N CYS A 91 0.07 3.46 15.89
CA CYS A 91 0.94 4.44 16.54
C CYS A 91 1.09 4.14 18.03
N PHE A 92 2.33 4.22 18.49
CA PHE A 92 2.70 4.00 19.87
C PHE A 92 3.61 5.15 20.30
N ASP A 93 3.93 5.21 21.59
CA ASP A 93 4.96 6.11 22.04
C ASP A 93 6.25 5.70 21.37
N ASN A 94 6.87 6.67 20.68
CA ASN A 94 8.21 6.55 20.08
C ASN A 94 8.31 5.57 18.91
N ARG A 95 7.16 5.12 18.40
CA ARG A 95 7.15 4.01 17.46
C ARG A 95 5.84 3.89 16.68
N TYR A 96 5.96 3.55 15.40
CA TYR A 96 4.78 3.15 14.64
C TYR A 96 5.07 1.97 13.74
N THR A 97 4.00 1.22 13.43
CA THR A 97 4.05 0.11 12.49
C THR A 97 3.15 0.41 11.30
N ILE A 98 3.45 -0.18 10.19
CA ILE A 98 2.68 0.01 8.96
C ILE A 98 2.67 -1.31 8.20
N GLU A 99 1.47 -1.71 7.71
CA GLU A 99 1.30 -2.92 6.87
C GLU A 99 0.42 -2.55 5.70
N ALA A 100 0.75 -3.08 4.54
CA ALA A 100 -0.11 -2.97 3.35
C ALA A 100 -0.29 -4.40 2.79
N SER A 101 -1.54 -4.82 2.62
CA SER A 101 -1.89 -6.17 2.16
C SER A 101 -3.25 -6.10 1.44
N ASP A 102 -3.90 -7.25 1.26
CA ASP A 102 -5.13 -7.34 0.50
C ASP A 102 -4.95 -6.72 -0.86
N ILE A 103 -3.84 -7.05 -1.49
CA ILE A 103 -3.46 -6.49 -2.80
C ILE A 103 -4.18 -7.26 -3.92
N VAL A 104 -4.90 -6.54 -4.76
CA VAL A 104 -5.60 -7.15 -5.86
CA VAL A 104 -5.57 -7.17 -5.89
C VAL A 104 -5.44 -6.31 -7.13
N TYR A 105 -5.30 -6.98 -8.26
CA TYR A 105 -5.11 -6.32 -9.50
C TYR A 105 -6.40 -6.38 -10.29
N GLN A 106 -6.71 -5.27 -10.94
CA GLN A 106 -7.75 -5.29 -11.96
C GLN A 106 -7.06 -4.96 -13.27
N TYR A 107 -7.05 -5.94 -14.17
CA TYR A 107 -6.18 -5.91 -15.35
C TYR A 107 -6.80 -6.47 -16.60
N ASP A 108 -6.53 -5.73 -17.68
CA ASP A 108 -6.91 -6.09 -19.03
C ASP A 108 -5.66 -5.89 -19.88
N PRO A 109 -5.08 -6.98 -20.42
CA PRO A 109 -3.82 -6.91 -21.20
C PRO A 109 -3.92 -6.10 -22.48
N LEU A 110 -5.13 -5.86 -22.97
CA LEU A 110 -5.32 -4.95 -24.13
C LEU A 110 -5.52 -3.51 -23.67
N ASN A 111 -5.51 -3.29 -22.36
CA ASN A 111 -5.67 -1.95 -21.81
C ASN A 111 -6.89 -1.27 -22.40
N ASP A 112 -8.01 -1.99 -22.44
CA ASP A 112 -9.26 -1.41 -22.90
C ASP A 112 -10.37 -1.48 -21.83
N LYS A 113 -9.99 -1.57 -20.55
CA LYS A 113 -10.94 -1.57 -19.42
C LYS A 113 -11.79 -2.84 -19.23
N LYS A 114 -11.46 -3.92 -19.93
CA LYS A 114 -12.18 -5.18 -19.75
C LYS A 114 -11.47 -5.94 -18.65
N TYR A 115 -11.52 -5.39 -17.44
CA TYR A 115 -10.72 -5.89 -16.33
C TYR A 115 -11.12 -7.29 -15.89
N LYS A 116 -10.13 -8.03 -15.37
CA LYS A 116 -10.37 -9.25 -14.63
C LYS A 116 -9.64 -9.07 -13.33
N THR A 117 -10.17 -9.64 -12.24
CA THR A 117 -9.56 -9.48 -10.89
C THR A 117 -8.63 -10.62 -10.49
N TYR A 118 -7.41 -10.27 -10.10
CA TYR A 118 -6.44 -11.27 -9.71
C TYR A 118 -5.87 -10.92 -8.34
N LYS A 119 -5.86 -11.88 -7.46
CA LYS A 119 -5.20 -11.70 -6.18
C LYS A 119 -3.71 -11.60 -6.42
N ALA A 120 -3.03 -10.74 -5.66
CA ALA A 120 -1.59 -10.57 -5.87
C ALA A 120 -0.83 -11.89 -5.69
N GLU A 121 -1.34 -12.73 -4.79
CA GLU A 121 -0.71 -14.01 -4.48
C GLU A 121 -0.65 -14.93 -5.67
N ASP A 122 -1.58 -14.75 -6.61
CA ASP A 122 -1.67 -15.56 -7.84
C ASP A 122 -0.85 -15.03 -8.99
N VAL A 123 -0.28 -13.83 -8.84
CA VAL A 123 0.54 -13.19 -9.88
C VAL A 123 2.02 -13.03 -9.49
N ILE A 124 2.30 -12.51 -8.28
CA ILE A 124 3.63 -12.03 -7.94
C ILE A 124 4.32 -12.88 -6.88
N ALA A 125 3.73 -14.01 -6.52
CA ALA A 125 4.38 -14.95 -5.59
C ALA A 125 5.80 -15.35 -6.04
N ASN A 126 6.70 -15.50 -5.07
CA ASN A 126 8.12 -15.74 -5.34
C ASN A 126 8.68 -14.76 -6.37
N ASN A 127 8.43 -13.48 -6.08
CA ASN A 127 8.91 -12.36 -6.90
C ASN A 127 8.60 -12.47 -8.39
N GLY A 128 7.38 -12.89 -8.69
CA GLY A 128 6.92 -13.03 -10.06
C GLY A 128 7.28 -14.35 -10.74
N ASP A 129 8.14 -15.15 -10.11
CA ASP A 129 8.50 -16.43 -10.67
C ASP A 129 7.40 -17.50 -10.54
N SER A 130 6.48 -17.32 -9.58
CA SER A 130 5.32 -18.21 -9.40
C SER A 130 3.97 -17.64 -9.85
N ASN A 131 3.99 -16.91 -10.95
CA ASN A 131 2.73 -16.48 -11.60
C ASN A 131 1.84 -17.68 -12.07
N THR A 132 0.56 -17.67 -11.69
CA THR A 132 -0.41 -18.68 -12.12
C THR A 132 -1.24 -18.24 -13.31
N ILE A 133 -1.12 -16.98 -13.71
CA ILE A 133 -2.03 -16.41 -14.67
C ILE A 133 -1.37 -16.39 -16.04
N ALA A 134 -1.63 -17.42 -16.85
CA ALA A 134 -1.00 -17.54 -18.16
C ALA A 134 -1.13 -16.24 -18.97
N LEU A 135 -2.28 -15.58 -18.81
CA LEU A 135 -2.59 -14.37 -19.56
C LEU A 135 -1.74 -13.12 -19.17
N ILE A 136 -1.07 -13.17 -18.02
CA ILE A 136 -0.11 -12.12 -17.63
C ILE A 136 1.28 -12.57 -18.06
N LYS A 137 1.84 -11.88 -19.05
CA LYS A 137 3.10 -12.30 -19.64
C LYS A 137 4.26 -11.62 -18.94
N ASP A 138 3.95 -10.59 -18.13
CA ASP A 138 4.93 -9.72 -17.52
C ASP A 138 4.78 -9.64 -15.97
N PRO A 139 4.81 -10.80 -15.26
CA PRO A 139 4.45 -10.74 -13.83
C PRO A 139 5.50 -10.05 -12.95
N LYS A 140 6.75 -10.00 -13.40
CA LYS A 140 7.79 -9.35 -12.63
C LYS A 140 7.63 -7.82 -12.67
N LEU A 141 6.98 -7.31 -13.73
CA LEU A 141 6.57 -5.90 -13.79
C LEU A 141 5.55 -5.54 -12.76
N PHE A 142 4.55 -6.39 -12.58
CA PHE A 142 3.56 -6.19 -11.53
C PHE A 142 4.29 -6.21 -10.17
N CYS A 143 5.23 -7.15 -10.02
CA CYS A 143 5.92 -7.34 -8.72
C CYS A 143 6.75 -6.07 -8.40
N ASN A 144 7.53 -5.65 -9.39
CA ASN A 144 8.39 -4.50 -9.23
CA ASN A 144 8.41 -4.50 -9.30
C ASN A 144 7.63 -3.21 -9.04
N ALA A 145 6.66 -2.95 -9.89
CA ALA A 145 5.79 -1.77 -9.75
C ALA A 145 5.10 -1.66 -8.37
N THR A 146 4.69 -2.80 -7.84
CA THR A 146 3.94 -2.88 -6.59
C THR A 146 4.88 -2.57 -5.42
N PHE A 147 6.04 -3.19 -5.44
CA PHE A 147 7.06 -2.89 -4.47
C PHE A 147 7.40 -1.38 -4.40
N PHE A 148 7.63 -0.75 -5.54
CA PHE A 148 7.99 0.66 -5.53
C PHE A 148 6.85 1.55 -5.12
N PHE A 149 5.64 1.24 -5.58
CA PHE A 149 4.42 1.95 -5.17
C PHE A 149 4.21 1.91 -3.65
N VAL A 150 4.16 0.74 -3.08
CA VAL A 150 3.88 0.59 -1.63
C VAL A 150 5.01 1.16 -0.78
N GLU A 151 6.23 0.82 -1.13
CA GLU A 151 7.39 1.28 -0.35
C GLU A 151 7.53 2.81 -0.39
N ASN A 152 7.10 3.44 -1.48
CA ASN A 152 7.15 4.88 -1.52
C ASN A 152 6.03 5.47 -0.71
N LEU A 153 4.92 4.76 -0.55
CA LEU A 153 3.90 5.21 0.37
C LEU A 153 4.46 5.15 1.78
N PHE A 154 5.21 4.10 2.08
CA PHE A 154 5.78 3.99 3.40
C PHE A 154 6.72 5.18 3.64
N ALA A 155 7.49 5.57 2.63
CA ALA A 155 8.43 6.67 2.74
C ALA A 155 7.70 8.01 2.95
N ASP A 156 6.55 8.18 2.29
CA ASP A 156 5.70 9.35 2.49
C ASP A 156 5.26 9.41 3.96
N VAL A 157 4.85 8.27 4.47
CA VAL A 157 4.42 8.16 5.86
C VAL A 157 5.58 8.52 6.79
N PHE A 158 6.77 7.99 6.51
CA PHE A 158 7.95 8.30 7.30
C PHE A 158 8.23 9.81 7.38
N ASP A 159 8.12 10.49 6.24
CA ASP A 159 8.35 11.92 6.15
C ASP A 159 7.29 12.69 6.95
N ALA A 160 6.04 12.27 6.85
CA ALA A 160 4.98 12.86 7.67
C ALA A 160 5.24 12.69 9.18
N ALA A 161 5.55 11.46 9.60
CA ALA A 161 5.92 11.17 10.99
C ALA A 161 7.05 12.03 11.53
N GLN A 162 8.09 12.28 10.72
CA GLN A 162 9.17 13.19 11.10
C GLN A 162 8.70 14.61 11.44
N ASN A 163 7.49 14.99 11.01
CA ASN A 163 6.90 16.30 11.37
C ASN A 163 6.44 16.37 12.84
N ALA A 164 6.20 15.25 13.50
CA ALA A 164 5.85 15.28 14.93
C ALA A 164 7.04 15.79 15.75
N GLU A 165 6.80 16.20 16.99
CA GLU A 165 7.89 16.77 17.82
C GLU A 165 8.07 16.09 19.18
#